data_4DEZ
#
_entry.id   4DEZ
#
_cell.length_a   125.230
_cell.length_b   125.230
_cell.length_c   142.520
_cell.angle_alpha   90.00
_cell.angle_beta   90.00
_cell.angle_gamma   120.00
#
_symmetry.space_group_name_H-M   'P 65 2 2'
#
loop_
_entity.id
_entity.type
_entity.pdbx_description
1 polymer 'DNA polymerase IV 1'
2 water water
#
_entity_poly.entity_id   1
_entity_poly.type   'polypeptide(L)'
_entity_poly.pdbx_seq_one_letter_code
;MTKWVLHVDLDQFLASVELRRRPDLRGQPVIVGGSGDPSEPRKVVTCASYEAREFGVHAGMPLRAAARRCPDATFLPSDP
AAYDEASEQVMGLLRDLGHPLEVWGWDEAYLGADLPDESDPVEVAERIRTVVAAETGLSCSVGISDNKQRAKVATGFAKP
AGIYVLTEANWMTVMGDRPPDALWGVGPKTTKKLAAMGITTVADLAVTDPSVLTTAFGPSTGLWLLLLAKGGGDTEVSSE
PWVPRSRSHVVTFPQDLTERREMDSAVRDLALQTLAEIVEQGRIVTRVAVTVRTSTFYTRTKIRKLPAPSTDAGQIVDTA
LAVLDQFELDRPVRLLGVRLELAMDDVPRPAVTAGT
;
_entity_poly.pdbx_strand_id   A
#
# COMPACT_ATOMS: atom_id res chain seq x y z
N THR A 2 -15.21 -2.01 -19.28
CA THR A 2 -13.85 -1.67 -18.72
C THR A 2 -13.49 -2.44 -17.45
N LYS A 3 -12.28 -2.99 -17.45
CA LYS A 3 -11.79 -3.81 -16.35
C LYS A 3 -10.90 -3.02 -15.39
N TRP A 4 -11.31 -2.96 -14.13
CA TRP A 4 -10.55 -2.21 -13.14
C TRP A 4 -9.94 -3.06 -12.04
N VAL A 5 -8.92 -2.50 -11.39
CA VAL A 5 -8.28 -3.18 -10.27
C VAL A 5 -8.21 -2.18 -9.13
N LEU A 6 -8.75 -2.56 -7.98
CA LEU A 6 -8.74 -1.71 -6.80
C LEU A 6 -7.91 -2.39 -5.71
N HIS A 7 -7.05 -1.62 -5.04
CA HIS A 7 -6.23 -2.14 -3.96
C HIS A 7 -6.69 -1.46 -2.66
N VAL A 8 -7.11 -2.26 -1.68
CA VAL A 8 -7.60 -1.75 -0.41
C VAL A 8 -6.56 -1.95 0.69
N ASP A 9 -6.28 -0.87 1.41
CA ASP A 9 -5.26 -0.92 2.47
C ASP A 9 -5.74 -0.25 3.75
N LEU A 10 -5.89 -1.04 4.81
CA LEU A 10 -6.34 -0.52 6.11
C LEU A 10 -5.36 0.49 6.72
N ASP A 11 -5.86 1.63 7.17
CA ASP A 11 -5.00 2.66 7.74
C ASP A 11 -4.50 2.29 9.15
N GLN A 12 -3.17 2.34 9.33
CA GLN A 12 -2.50 2.00 10.60
C GLN A 12 -3.25 0.90 11.35
N PHE A 13 -3.47 -0.20 10.64
CA PHE A 13 -4.21 -1.33 11.14
C PHE A 13 -4.05 -1.74 12.61
N LEU A 14 -2.88 -2.25 13.00
CA LEU A 14 -2.76 -2.69 14.40
C LEU A 14 -3.11 -1.61 15.41
N ALA A 15 -2.61 -0.39 15.20
CA ALA A 15 -2.91 0.70 16.11
C ALA A 15 -4.42 0.92 16.17
N SER A 16 -5.06 0.99 15.01
CA SER A 16 -6.50 1.22 14.94
C SER A 16 -7.29 0.17 15.72
N VAL A 17 -6.86 -1.07 15.64
CA VAL A 17 -7.57 -2.12 16.36
C VAL A 17 -7.43 -1.89 17.85
N GLU A 18 -6.22 -1.50 18.28
CA GLU A 18 -5.97 -1.24 19.69
C GLU A 18 -6.81 -0.07 20.18
N LEU A 19 -7.00 0.95 19.34
CA LEU A 19 -7.79 2.11 19.74
C LEU A 19 -9.26 1.79 20.03
N ARG A 20 -9.76 0.69 19.50
CA ARG A 20 -11.13 0.26 19.80
C ARG A 20 -11.08 -0.05 21.31
N ARG A 21 -10.21 -0.99 21.66
CA ARG A 21 -10.03 -1.42 23.03
C ARG A 21 -9.63 -0.28 23.99
N ARG A 22 -9.05 0.80 23.47
CA ARG A 22 -8.58 1.88 24.31
C ARG A 22 -8.74 3.26 23.68
N PRO A 23 -9.99 3.74 23.67
CA PRO A 23 -10.40 5.03 23.10
C PRO A 23 -9.76 6.31 23.62
N ASP A 24 -9.39 6.29 24.89
CA ASP A 24 -8.73 7.42 25.52
C ASP A 24 -7.45 7.82 24.78
N LEU A 25 -6.83 6.86 24.10
CA LEU A 25 -5.58 7.12 23.40
C LEU A 25 -5.68 7.78 22.04
N ARG A 26 -6.90 8.01 21.55
CA ARG A 26 -7.04 8.60 20.22
C ARG A 26 -6.39 9.96 20.06
N GLY A 27 -5.72 10.15 18.92
CA GLY A 27 -5.05 11.39 18.63
C GLY A 27 -3.65 11.50 19.23
N GLN A 28 -3.23 10.44 19.90
CA GLN A 28 -1.93 10.40 20.56
C GLN A 28 -1.00 9.34 19.97
N PRO A 29 0.32 9.54 20.14
CA PRO A 29 1.37 8.62 19.66
C PRO A 29 1.18 7.27 20.31
N VAL A 30 0.86 6.25 19.53
CA VAL A 30 0.69 4.90 20.05
C VAL A 30 1.67 4.01 19.30
N ILE A 31 2.33 3.10 20.01
CA ILE A 31 3.27 2.19 19.38
C ILE A 31 2.99 0.78 19.87
N VAL A 32 2.74 -0.13 18.92
CA VAL A 32 2.46 -1.53 19.20
C VAL A 32 3.77 -2.31 19.00
N GLY A 33 4.16 -3.10 19.99
CA GLY A 33 5.39 -3.84 19.86
C GLY A 33 5.37 -5.30 20.27
N GLY A 34 5.94 -6.14 19.41
CA GLY A 34 6.01 -7.57 19.66
C GLY A 34 7.23 -8.22 19.02
N SER A 35 6.99 -9.18 18.12
CA SER A 35 8.07 -9.88 17.45
C SER A 35 8.06 -9.74 15.93
N ARG A 42 14.18 -10.32 20.64
CA ARG A 42 14.18 -8.87 20.85
C ARG A 42 12.95 -8.23 20.20
N LYS A 43 12.29 -7.36 20.95
CA LYS A 43 11.08 -6.72 20.48
C LYS A 43 11.26 -5.50 19.61
N VAL A 44 10.45 -5.44 18.55
CA VAL A 44 10.49 -4.34 17.58
C VAL A 44 9.10 -3.72 17.45
N VAL A 45 9.03 -2.60 16.74
CA VAL A 45 7.75 -1.93 16.47
C VAL A 45 6.96 -2.75 15.42
N THR A 46 5.72 -3.13 15.71
CA THR A 46 4.91 -3.87 14.73
C THR A 46 3.97 -2.91 14.01
N CYS A 47 3.56 -1.84 14.68
CA CYS A 47 2.75 -0.80 14.05
C CYS A 47 2.91 0.50 14.82
N ALA A 48 3.24 1.56 14.09
CA ALA A 48 3.39 2.88 14.70
C ALA A 48 2.23 3.75 14.21
N SER A 49 1.55 4.40 15.14
CA SER A 49 0.44 5.26 14.76
C SER A 49 1.00 6.42 13.95
N TYR A 50 0.17 7.05 13.13
CA TYR A 50 0.62 8.17 12.32
C TYR A 50 1.25 9.27 13.17
N GLU A 51 0.73 9.44 14.38
CA GLU A 51 1.29 10.46 15.26
C GLU A 51 2.73 10.11 15.62
N ALA A 52 2.96 8.85 15.97
CA ALA A 52 4.30 8.40 16.33
C ALA A 52 5.27 8.55 15.15
N ARG A 53 4.79 8.29 13.93
CA ARG A 53 5.63 8.39 12.74
C ARG A 53 6.17 9.78 12.48
N GLU A 54 5.50 10.79 13.04
CA GLU A 54 5.95 12.17 12.89
C GLU A 54 7.29 12.36 13.60
N PHE A 55 7.59 11.47 14.55
CA PHE A 55 8.83 11.52 15.32
C PHE A 55 9.91 10.61 14.75
N GLY A 56 9.64 10.11 13.54
CA GLY A 56 10.59 9.23 12.89
C GLY A 56 10.52 7.78 13.38
N VAL A 57 9.40 7.38 13.97
CA VAL A 57 9.26 6.01 14.44
C VAL A 57 8.62 5.18 13.31
N HIS A 58 9.15 3.98 13.07
CA HIS A 58 8.61 3.14 12.01
C HIS A 58 8.65 1.65 12.32
N ALA A 59 7.76 0.91 11.67
CA ALA A 59 7.67 -0.53 11.84
C ALA A 59 9.06 -1.13 11.64
N GLY A 60 9.40 -2.11 12.45
CA GLY A 60 10.68 -2.77 12.33
C GLY A 60 11.72 -2.35 13.34
N MET A 61 11.75 -1.08 13.73
CA MET A 61 12.78 -0.68 14.66
C MET A 61 12.59 -1.19 16.10
N PRO A 62 13.71 -1.48 16.77
CA PRO A 62 13.67 -1.98 18.15
C PRO A 62 12.89 -1.01 19.03
N LEU A 63 12.20 -1.54 20.04
CA LEU A 63 11.42 -0.67 20.92
C LEU A 63 12.24 0.37 21.64
N ARG A 64 13.45 0.01 22.08
CA ARG A 64 14.25 0.99 22.80
C ARG A 64 14.58 2.17 21.90
N ALA A 65 14.90 1.89 20.64
CA ALA A 65 15.20 2.95 19.68
C ALA A 65 13.92 3.78 19.43
N ALA A 66 12.75 3.15 19.50
CA ALA A 66 11.48 3.86 19.31
C ALA A 66 11.24 4.80 20.50
N ALA A 67 11.47 4.30 21.72
CA ALA A 67 11.27 5.12 22.92
C ALA A 67 12.17 6.35 22.89
N ARG A 68 13.36 6.20 22.33
CA ARG A 68 14.28 7.30 22.26
C ARG A 68 13.71 8.41 21.35
N ARG A 69 13.06 8.01 20.26
CA ARG A 69 12.51 9.00 19.34
C ARG A 69 11.17 9.60 19.77
N CYS A 70 10.36 8.82 20.48
CA CYS A 70 9.05 9.28 20.92
C CYS A 70 8.79 8.92 22.39
N PRO A 71 9.51 9.59 23.30
CA PRO A 71 9.43 9.40 24.76
C PRO A 71 8.01 9.45 25.33
N ASP A 72 7.14 10.23 24.72
CA ASP A 72 5.79 10.38 25.22
C ASP A 72 4.79 9.39 24.59
N ALA A 73 5.27 8.43 23.83
CA ALA A 73 4.34 7.48 23.22
C ALA A 73 3.86 6.43 24.20
N THR A 74 2.72 5.84 23.89
CA THR A 74 2.16 4.78 24.73
C THR A 74 2.43 3.47 24.01
N PHE A 75 3.15 2.58 24.69
CA PHE A 75 3.49 1.28 24.14
C PHE A 75 2.49 0.23 24.56
N LEU A 76 1.99 -0.53 23.59
CA LEU A 76 1.03 -1.59 23.87
C LEU A 76 1.61 -2.90 23.34
N PRO A 77 1.33 -3.99 24.05
CA PRO A 77 1.82 -5.31 23.62
C PRO A 77 1.09 -5.78 22.37
N SER A 78 1.78 -6.47 21.49
CA SER A 78 1.16 -7.00 20.27
C SER A 78 0.12 -8.08 20.66
N ASP A 79 -1.03 -8.09 19.99
CA ASP A 79 -2.09 -9.05 20.25
C ASP A 79 -2.59 -9.65 18.93
N PRO A 80 -1.83 -10.59 18.36
CA PRO A 80 -2.13 -11.24 17.08
C PRO A 80 -3.51 -11.87 16.89
N ALA A 81 -4.07 -12.43 17.93
CA ALA A 81 -5.36 -13.07 17.79
C ALA A 81 -6.47 -12.06 17.56
N ALA A 82 -6.32 -10.88 18.14
CA ALA A 82 -7.29 -9.82 17.93
C ALA A 82 -7.10 -9.29 16.51
N TYR A 83 -5.86 -9.26 16.02
CA TYR A 83 -5.60 -8.73 14.68
C TYR A 83 -6.12 -9.72 13.63
N ASP A 84 -5.99 -11.00 13.93
CA ASP A 84 -6.49 -12.02 13.04
C ASP A 84 -8.00 -11.86 12.88
N GLU A 85 -8.69 -11.83 14.01
CA GLU A 85 -10.13 -11.71 14.04
C GLU A 85 -10.57 -10.45 13.30
N ALA A 86 -9.96 -9.33 13.64
CA ALA A 86 -10.33 -8.08 12.99
C ALA A 86 -10.18 -8.11 11.47
N SER A 87 -9.15 -8.80 10.99
CA SER A 87 -8.86 -8.89 9.55
C SER A 87 -9.83 -9.77 8.79
N GLU A 88 -10.12 -10.93 9.37
CA GLU A 88 -11.05 -11.86 8.77
C GLU A 88 -12.39 -11.18 8.54
N GLN A 89 -12.84 -10.41 9.54
CA GLN A 89 -14.11 -9.71 9.41
C GLN A 89 -14.07 -8.82 8.17
N VAL A 90 -13.03 -7.99 8.07
CA VAL A 90 -12.86 -7.10 6.94
C VAL A 90 -12.77 -7.87 5.64
N MET A 91 -11.95 -8.91 5.60
CA MET A 91 -11.81 -9.68 4.37
C MET A 91 -13.13 -10.31 3.94
N GLY A 92 -13.88 -10.90 4.89
CA GLY A 92 -15.18 -11.49 4.57
C GLY A 92 -16.09 -10.41 3.97
N LEU A 93 -16.07 -9.21 4.55
CA LEU A 93 -16.86 -8.10 4.04
C LEU A 93 -16.47 -7.78 2.58
N LEU A 94 -15.16 -7.81 2.28
CA LEU A 94 -14.73 -7.50 0.92
C LEU A 94 -15.16 -8.59 -0.05
N ARG A 95 -14.92 -9.82 0.33
CA ARG A 95 -15.28 -10.96 -0.49
C ARG A 95 -16.78 -10.95 -0.82
N ASP A 96 -17.62 -10.60 0.15
CA ASP A 96 -19.06 -10.61 -0.07
C ASP A 96 -19.62 -9.56 -1.02
N LEU A 97 -18.77 -8.66 -1.51
CA LEU A 97 -19.23 -7.65 -2.48
C LEU A 97 -19.44 -8.34 -3.86
N GLY A 98 -18.97 -9.58 -3.99
CA GLY A 98 -19.14 -10.31 -5.25
C GLY A 98 -18.06 -10.21 -6.32
N HIS A 99 -17.00 -9.49 -6.04
CA HIS A 99 -15.92 -9.32 -7.02
C HIS A 99 -14.80 -10.33 -6.75
N PRO A 100 -13.95 -10.59 -7.76
CA PRO A 100 -12.82 -11.51 -7.61
C PRO A 100 -12.01 -10.81 -6.51
N LEU A 101 -11.42 -11.56 -5.59
CA LEU A 101 -10.69 -11.00 -4.45
C LEU A 101 -9.40 -11.73 -4.15
N GLU A 102 -8.38 -10.99 -3.75
CA GLU A 102 -7.08 -11.56 -3.46
C GLU A 102 -6.52 -10.85 -2.22
N VAL A 103 -6.44 -11.60 -1.13
CA VAL A 103 -5.96 -11.08 0.15
C VAL A 103 -4.46 -11.23 0.35
N TRP A 104 -3.82 -10.17 0.83
CA TRP A 104 -2.38 -10.19 1.13
C TRP A 104 -2.17 -9.77 2.58
N GLY A 105 -1.69 -10.69 3.42
CA GLY A 105 -1.47 -10.36 4.82
C GLY A 105 -2.76 -9.95 5.52
N TRP A 106 -2.62 -9.21 6.61
CA TRP A 106 -3.76 -8.75 7.38
C TRP A 106 -4.51 -7.54 6.86
N ASP A 107 -3.77 -6.61 6.27
CA ASP A 107 -4.32 -5.33 5.89
C ASP A 107 -4.49 -4.91 4.45
N GLU A 108 -4.23 -5.83 3.52
CA GLU A 108 -4.32 -5.52 2.10
C GLU A 108 -5.12 -6.52 1.27
N ALA A 109 -5.78 -6.00 0.23
CA ALA A 109 -6.51 -6.86 -0.70
C ALA A 109 -6.61 -6.19 -2.07
N TYR A 110 -6.59 -7.04 -3.10
CA TYR A 110 -6.75 -6.57 -4.46
C TYR A 110 -8.11 -7.11 -4.90
N LEU A 111 -8.91 -6.27 -5.56
CA LEU A 111 -10.15 -6.80 -6.09
C LEU A 111 -10.43 -6.28 -7.50
N GLY A 112 -10.97 -7.17 -8.33
CA GLY A 112 -11.24 -6.80 -9.70
C GLY A 112 -12.68 -6.44 -9.97
N ALA A 113 -12.88 -5.45 -10.83
CA ALA A 113 -14.23 -5.05 -11.18
C ALA A 113 -14.37 -4.73 -12.65
N ASP A 114 -15.19 -5.53 -13.35
CA ASP A 114 -15.48 -5.32 -14.76
C ASP A 114 -16.69 -4.37 -14.71
N LEU A 115 -16.50 -3.16 -15.20
CA LEU A 115 -17.51 -2.11 -15.10
C LEU A 115 -17.99 -1.47 -16.40
N PRO A 116 -19.28 -1.05 -16.44
CA PRO A 116 -19.87 -0.39 -17.61
C PRO A 116 -18.98 0.78 -17.97
N ASP A 117 -18.57 0.83 -19.23
CA ASP A 117 -17.66 1.86 -19.71
C ASP A 117 -17.88 3.28 -19.22
N GLU A 118 -19.03 3.53 -18.61
CA GLU A 118 -19.34 4.86 -18.11
C GLU A 118 -19.31 4.96 -16.60
N SER A 119 -19.48 3.82 -15.94
CA SER A 119 -19.48 3.77 -14.48
C SER A 119 -18.17 4.27 -13.87
N ASP A 120 -18.28 5.10 -12.84
CA ASP A 120 -17.11 5.62 -12.18
C ASP A 120 -16.70 4.61 -11.11
N PRO A 121 -15.44 4.13 -11.15
CA PRO A 121 -14.93 3.16 -10.19
C PRO A 121 -14.84 3.77 -8.79
N VAL A 122 -14.71 5.09 -8.73
CA VAL A 122 -14.61 5.76 -7.44
C VAL A 122 -15.82 5.44 -6.57
N GLU A 123 -16.96 5.17 -7.20
CA GLU A 123 -18.14 4.84 -6.43
C GLU A 123 -18.01 3.48 -5.77
N VAL A 124 -17.39 2.52 -6.45
CA VAL A 124 -17.17 1.22 -5.82
C VAL A 124 -16.25 1.45 -4.61
N ALA A 125 -15.24 2.31 -4.76
CA ALA A 125 -14.31 2.61 -3.68
C ALA A 125 -15.01 3.31 -2.52
N GLU A 126 -15.94 4.22 -2.81
CA GLU A 126 -16.63 4.90 -1.72
C GLU A 126 -17.53 3.95 -0.94
N ARG A 127 -18.08 2.93 -1.61
CA ARG A 127 -18.93 1.96 -0.93
C ARG A 127 -18.05 1.05 -0.07
N ILE A 128 -16.88 0.66 -0.59
CA ILE A 128 -15.95 -0.17 0.17
C ILE A 128 -15.57 0.60 1.46
N ARG A 129 -15.23 1.89 1.34
CA ARG A 129 -14.84 2.64 2.54
C ARG A 129 -15.98 2.68 3.56
N THR A 130 -17.19 2.95 3.08
CA THR A 130 -18.36 3.03 3.93
C THR A 130 -18.69 1.70 4.63
N VAL A 131 -18.70 0.61 3.86
CA VAL A 131 -18.99 -0.69 4.43
C VAL A 131 -18.00 -0.99 5.55
N VAL A 132 -16.71 -0.89 5.23
CA VAL A 132 -15.67 -1.18 6.21
C VAL A 132 -15.76 -0.30 7.46
N ALA A 133 -15.98 1.00 7.27
CA ALA A 133 -16.06 1.88 8.43
C ALA A 133 -17.31 1.60 9.26
N ALA A 134 -18.44 1.40 8.59
CA ALA A 134 -19.70 1.14 9.27
C ALA A 134 -19.67 -0.14 10.08
N GLU A 135 -19.08 -1.18 9.51
CA GLU A 135 -19.05 -2.47 10.18
C GLU A 135 -17.94 -2.77 11.15
N THR A 136 -16.82 -2.06 11.03
CA THR A 136 -15.67 -2.36 11.88
C THR A 136 -15.02 -1.19 12.60
N GLY A 137 -15.39 0.02 12.22
CA GLY A 137 -14.81 1.21 12.84
C GLY A 137 -13.45 1.58 12.23
N LEU A 138 -12.95 0.75 11.33
CA LEU A 138 -11.65 0.98 10.71
C LEU A 138 -11.71 1.81 9.44
N SER A 139 -10.69 2.64 9.26
CA SER A 139 -10.60 3.43 8.03
C SER A 139 -9.65 2.68 7.08
N CYS A 140 -9.88 2.81 5.79
CA CYS A 140 -9.00 2.20 4.79
C CYS A 140 -8.86 3.18 3.65
N SER A 141 -7.87 2.94 2.79
CA SER A 141 -7.64 3.79 1.63
C SER A 141 -7.74 2.88 0.41
N VAL A 142 -8.11 3.45 -0.71
CA VAL A 142 -8.29 2.66 -1.91
C VAL A 142 -7.62 3.25 -3.15
N GLY A 143 -6.72 2.45 -3.75
CA GLY A 143 -6.03 2.86 -4.96
C GLY A 143 -6.75 2.24 -6.16
N ILE A 144 -6.89 3.00 -7.24
CA ILE A 144 -7.59 2.54 -8.43
C ILE A 144 -6.81 2.62 -9.75
N SER A 145 -6.78 1.52 -10.49
CA SER A 145 -6.14 1.49 -11.81
C SER A 145 -6.63 0.28 -12.64
N ASP A 146 -5.77 -0.21 -13.54
CA ASP A 146 -6.11 -1.36 -14.37
C ASP A 146 -5.16 -2.55 -14.19
N ASN A 147 -4.27 -2.45 -13.20
CA ASN A 147 -3.37 -3.53 -12.85
C ASN A 147 -3.00 -3.40 -11.38
N LYS A 148 -2.49 -4.48 -10.80
CA LYS A 148 -2.14 -4.48 -9.39
C LYS A 148 -1.08 -3.48 -8.96
N GLN A 149 0.06 -3.52 -9.64
CA GLN A 149 1.15 -2.62 -9.27
C GLN A 149 0.77 -1.14 -9.27
N ARG A 150 0.21 -0.66 -10.38
CA ARG A 150 -0.20 0.73 -10.48
C ARG A 150 -1.28 1.09 -9.44
N ALA A 151 -2.16 0.14 -9.13
CA ALA A 151 -3.22 0.39 -8.15
C ALA A 151 -2.58 0.58 -6.77
N LYS A 152 -1.59 -0.26 -6.45
CA LYS A 152 -0.92 -0.16 -5.16
C LYS A 152 -0.16 1.18 -5.09
N VAL A 153 0.44 1.59 -6.20
CA VAL A 153 1.13 2.88 -6.21
C VAL A 153 0.04 3.95 -5.97
N ALA A 154 -1.12 3.79 -6.61
CA ALA A 154 -2.22 4.74 -6.44
C ALA A 154 -2.62 4.81 -4.98
N THR A 155 -2.52 3.69 -4.28
CA THR A 155 -2.92 3.69 -2.88
C THR A 155 -2.08 4.64 -2.03
N GLY A 156 -0.80 4.75 -2.36
CA GLY A 156 0.09 5.63 -1.63
C GLY A 156 -0.36 7.08 -1.65
N PHE A 157 -0.96 7.49 -2.75
CA PHE A 157 -1.47 8.85 -2.86
C PHE A 157 -2.83 9.00 -2.18
N ALA A 158 -3.53 7.89 -1.99
CA ALA A 158 -4.83 7.93 -1.33
C ALA A 158 -4.71 8.05 0.20
N LYS A 159 -3.59 7.61 0.77
CA LYS A 159 -3.41 7.69 2.21
C LYS A 159 -3.38 9.14 2.69
N PRO A 160 -4.09 9.44 3.80
CA PRO A 160 -4.86 8.47 4.59
C PRO A 160 -6.34 8.66 4.34
N ALA A 161 -7.14 7.63 4.62
CA ALA A 161 -8.59 7.73 4.48
C ALA A 161 -9.04 8.32 3.15
N GLY A 162 -8.39 7.94 2.05
CA GLY A 162 -8.76 8.47 0.76
C GLY A 162 -8.87 7.49 -0.40
N ILE A 163 -9.12 8.04 -1.58
CA ILE A 163 -9.28 7.28 -2.82
C ILE A 163 -8.43 7.98 -3.89
N TYR A 164 -7.80 7.21 -4.77
CA TYR A 164 -6.99 7.81 -5.83
C TYR A 164 -6.93 6.96 -7.09
N VAL A 165 -6.99 7.64 -8.23
CA VAL A 165 -6.98 6.99 -9.54
C VAL A 165 -5.74 7.30 -10.38
N LEU A 166 -5.05 6.23 -10.78
CA LEU A 166 -3.86 6.34 -11.64
C LEU A 166 -4.05 5.50 -12.90
N THR A 167 -4.05 6.15 -14.07
CA THR A 167 -4.16 5.45 -15.35
C THR A 167 -3.15 5.97 -16.37
N GLU A 168 -3.26 5.53 -17.63
CA GLU A 168 -2.33 6.00 -18.65
C GLU A 168 -2.45 7.52 -18.77
N ALA A 169 -3.63 8.07 -18.53
CA ALA A 169 -3.82 9.51 -18.64
C ALA A 169 -2.94 10.36 -17.74
N ASN A 170 -2.85 10.00 -16.46
CA ASN A 170 -2.05 10.80 -15.54
C ASN A 170 -0.78 10.14 -15.04
N TRP A 171 -0.55 8.90 -15.45
CA TRP A 171 0.63 8.17 -14.97
C TRP A 171 1.95 8.90 -15.02
N MET A 172 2.38 9.26 -16.22
CA MET A 172 3.67 9.90 -16.36
C MET A 172 3.76 11.28 -15.76
N THR A 173 2.65 12.00 -15.76
CA THR A 173 2.61 13.34 -15.16
C THR A 173 2.86 13.23 -13.66
N VAL A 174 2.31 12.21 -13.03
CA VAL A 174 2.46 12.04 -11.59
C VAL A 174 3.77 11.38 -11.18
N MET A 175 4.24 10.45 -12.00
CA MET A 175 5.42 9.66 -11.68
C MET A 175 6.77 10.02 -12.30
N GLY A 176 6.70 10.56 -13.52
CA GLY A 176 7.88 10.90 -14.28
C GLY A 176 9.19 11.35 -13.65
N ASP A 177 9.10 12.27 -12.71
CA ASP A 177 10.30 12.81 -12.08
C ASP A 177 10.70 12.16 -10.79
N ARG A 178 9.98 11.12 -10.40
CA ARG A 178 10.29 10.45 -9.15
C ARG A 178 11.36 9.39 -9.36
N PRO A 179 12.06 9.01 -8.29
CA PRO A 179 13.12 7.99 -8.37
C PRO A 179 12.47 6.64 -8.62
N PRO A 180 13.19 5.74 -9.31
CA PRO A 180 12.62 4.41 -9.60
C PRO A 180 11.93 3.70 -8.42
N ASP A 181 12.41 3.91 -7.20
CA ASP A 181 11.82 3.22 -6.06
C ASP A 181 10.40 3.64 -5.68
N ALA A 182 9.90 4.67 -6.35
CA ALA A 182 8.52 5.11 -6.12
C ALA A 182 7.59 4.07 -6.81
N LEU A 183 8.13 3.30 -7.76
CA LEU A 183 7.34 2.26 -8.43
C LEU A 183 7.15 1.10 -7.46
N TRP A 184 5.98 0.45 -7.49
CA TRP A 184 5.80 -0.71 -6.64
C TRP A 184 6.42 -1.90 -7.41
N GLY A 185 7.30 -2.62 -6.73
CA GLY A 185 8.00 -3.74 -7.34
C GLY A 185 9.48 -3.34 -7.54
N VAL A 186 9.81 -2.06 -7.40
CA VAL A 186 11.21 -1.61 -7.54
C VAL A 186 11.73 -1.10 -6.19
N GLY A 187 12.64 -1.89 -5.61
CA GLY A 187 13.23 -1.58 -4.31
C GLY A 187 14.49 -0.76 -4.32
N PRO A 188 15.01 -0.39 -3.13
CA PRO A 188 16.21 0.43 -2.99
C PRO A 188 17.50 -0.09 -3.59
N LYS A 189 17.75 -1.40 -3.49
CA LYS A 189 18.96 -1.95 -4.06
C LYS A 189 18.92 -1.79 -5.58
N THR A 190 17.79 -2.11 -6.19
CA THR A 190 17.67 -1.98 -7.64
C THR A 190 17.83 -0.51 -8.02
N THR A 191 17.27 0.40 -7.24
CA THR A 191 17.39 1.80 -7.62
C THR A 191 18.81 2.35 -7.42
N LYS A 192 19.62 1.73 -6.56
CA LYS A 192 21.01 2.17 -6.40
C LYS A 192 21.78 1.66 -7.63
N LYS A 193 21.50 0.42 -8.04
CA LYS A 193 22.16 -0.16 -9.22
C LYS A 193 21.81 0.74 -10.42
N LEU A 194 20.54 1.13 -10.54
CA LEU A 194 20.10 1.99 -11.65
C LEU A 194 20.79 3.36 -11.62
N ALA A 195 20.98 3.93 -10.43
CA ALA A 195 21.64 5.22 -10.29
C ALA A 195 23.09 5.06 -10.81
N ALA A 196 23.75 3.96 -10.47
CA ALA A 196 25.10 3.75 -10.96
C ALA A 196 25.13 3.71 -12.50
N MET A 197 24.00 3.44 -13.16
CA MET A 197 24.01 3.42 -14.64
C MET A 197 23.46 4.71 -15.21
N GLY A 198 23.25 5.70 -14.35
CA GLY A 198 22.74 6.99 -14.80
C GLY A 198 21.24 7.08 -14.98
N ILE A 199 20.48 6.23 -14.30
CA ILE A 199 19.03 6.23 -14.41
C ILE A 199 18.45 6.59 -13.06
N THR A 200 17.90 7.79 -12.96
CA THR A 200 17.38 8.28 -11.69
C THR A 200 15.92 8.72 -11.60
N THR A 201 15.19 8.61 -12.70
CA THR A 201 13.77 8.93 -12.64
C THR A 201 12.98 7.86 -13.39
N VAL A 202 11.69 7.78 -13.10
CA VAL A 202 10.80 6.83 -13.75
C VAL A 202 10.73 7.15 -15.24
N ALA A 203 10.66 8.43 -15.60
CA ALA A 203 10.58 8.79 -17.01
C ALA A 203 11.82 8.29 -17.79
N ASP A 204 13.02 8.43 -17.21
CA ASP A 204 14.23 7.95 -17.88
C ASP A 204 14.22 6.43 -18.02
N LEU A 205 13.85 5.75 -16.94
CA LEU A 205 13.79 4.30 -16.96
C LEU A 205 12.79 3.81 -18.03
N ALA A 206 11.66 4.50 -18.16
CA ALA A 206 10.64 4.12 -19.12
C ALA A 206 11.12 4.13 -20.57
N VAL A 207 12.06 5.01 -20.90
CA VAL A 207 12.54 5.06 -22.27
C VAL A 207 13.95 4.55 -22.48
N THR A 208 14.47 3.85 -21.48
CA THR A 208 15.80 3.26 -21.57
C THR A 208 15.77 2.09 -22.57
N ASP A 209 16.83 1.94 -23.34
CA ASP A 209 16.91 0.87 -24.34
C ASP A 209 16.91 -0.46 -23.60
N PRO A 210 16.08 -1.42 -24.06
CA PRO A 210 15.99 -2.74 -23.43
C PRO A 210 17.31 -3.42 -23.10
N SER A 211 18.27 -3.38 -24.03
CA SER A 211 19.55 -4.04 -23.83
C SER A 211 20.34 -3.54 -22.63
N VAL A 212 20.25 -2.26 -22.34
CA VAL A 212 20.94 -1.74 -21.17
C VAL A 212 20.42 -2.47 -19.91
N LEU A 213 19.10 -2.63 -19.81
CA LEU A 213 18.51 -3.27 -18.64
C LEU A 213 18.70 -4.78 -18.58
N THR A 214 18.55 -5.43 -19.72
CA THR A 214 18.68 -6.88 -19.74
C THR A 214 20.10 -7.36 -19.47
N THR A 215 21.12 -6.60 -19.85
CA THR A 215 22.44 -7.09 -19.53
C THR A 215 22.75 -6.84 -18.05
N ALA A 216 22.17 -5.80 -17.46
CA ALA A 216 22.41 -5.55 -16.04
C ALA A 216 21.56 -6.43 -15.11
N PHE A 217 20.33 -6.76 -15.51
CA PHE A 217 19.44 -7.53 -14.64
C PHE A 217 18.93 -8.86 -15.21
N GLY A 218 19.43 -9.25 -16.37
CA GLY A 218 18.94 -10.47 -16.95
C GLY A 218 17.83 -10.14 -17.93
N PRO A 219 17.59 -11.03 -18.89
CA PRO A 219 16.56 -10.84 -19.93
C PRO A 219 15.13 -10.51 -19.46
N SER A 220 14.58 -11.29 -18.53
CA SER A 220 13.22 -11.01 -18.09
C SER A 220 13.06 -9.85 -17.11
N THR A 221 13.97 -9.70 -16.16
CA THR A 221 13.89 -8.58 -15.21
C THR A 221 14.04 -7.24 -15.95
N GLY A 222 14.93 -7.20 -16.94
CA GLY A 222 15.13 -5.97 -17.69
C GLY A 222 13.82 -5.50 -18.30
N LEU A 223 13.08 -6.43 -18.91
CA LEU A 223 11.81 -6.11 -19.53
C LEU A 223 10.73 -5.78 -18.48
N TRP A 224 10.76 -6.47 -17.35
CA TRP A 224 9.75 -6.20 -16.33
C TRP A 224 9.91 -4.77 -15.78
N LEU A 225 11.15 -4.29 -15.67
CA LEU A 225 11.38 -2.94 -15.18
C LEU A 225 10.77 -1.92 -16.14
N LEU A 226 10.89 -2.18 -17.45
CA LEU A 226 10.31 -1.26 -18.43
C LEU A 226 8.80 -1.25 -18.29
N LEU A 227 8.19 -2.43 -18.17
CA LEU A 227 6.74 -2.51 -18.03
C LEU A 227 6.28 -1.73 -16.79
N LEU A 228 6.93 -1.93 -15.65
CA LEU A 228 6.54 -1.21 -14.43
C LEU A 228 6.64 0.29 -14.63
N ALA A 229 7.77 0.72 -15.20
CA ALA A 229 7.98 2.14 -15.42
C ALA A 229 6.96 2.77 -16.37
N LYS A 230 6.38 1.96 -17.26
CA LYS A 230 5.37 2.49 -18.18
C LYS A 230 3.98 2.43 -17.55
N GLY A 231 3.92 1.93 -16.31
CA GLY A 231 2.65 1.85 -15.60
C GLY A 231 1.91 0.54 -15.72
N GLY A 232 2.58 -0.49 -16.24
CA GLY A 232 1.94 -1.79 -16.40
C GLY A 232 2.08 -2.69 -15.18
N GLY A 233 1.55 -3.90 -15.27
CA GLY A 233 1.63 -4.85 -14.16
C GLY A 233 0.71 -6.04 -14.34
N ASP A 234 0.53 -6.83 -13.28
CA ASP A 234 -0.35 -8.00 -13.32
C ASP A 234 -1.80 -7.53 -13.39
N THR A 235 -2.61 -8.15 -14.26
CA THR A 235 -4.00 -7.75 -14.45
C THR A 235 -5.06 -8.69 -13.90
N GLU A 236 -4.67 -9.93 -13.68
CA GLU A 236 -5.56 -10.95 -13.17
C GLU A 236 -5.59 -10.97 -11.64
N VAL A 237 -6.76 -10.76 -11.04
CA VAL A 237 -6.90 -10.79 -9.59
C VAL A 237 -7.14 -12.25 -9.12
N SER A 238 -8.16 -12.92 -9.66
CA SER A 238 -8.43 -14.33 -9.32
C SER A 238 -8.47 -14.60 -7.82
N SER A 239 -9.67 -14.85 -7.32
CA SER A 239 -9.91 -15.05 -5.88
C SER A 239 -9.08 -16.03 -5.03
#